data_4JY4
#
_entry.id   4JY4
#
_cell.length_a   64.970
_cell.length_b   65.720
_cell.length_c   159.210
_cell.angle_alpha   90.00
_cell.angle_beta   90.00
_cell.angle_gamma   90.00
#
_symmetry.space_group_name_H-M   'P 21 21 21'
#
loop_
_entity.id
_entity.type
_entity.pdbx_description
1 polymer 'PGT121 heavy chain'
2 polymer 'PGT121 light chain'
3 branched 'N-acetyl-alpha-neuraminic acid-(2-6)-beta-D-galactopyranose-(1-4)-2-acetamido-2-deoxy-beta-D-glucopyranose-(1-2)-alpha-D-mannopyranose-(1-3)-[alpha-D-mannopyranose-(1-6)]beta-D-mannopyranose-(1-4)-2-acetamido-2-deoxy-beta-D-glucopyranose-(1-4)-[alpha-L-fucopyranose-(1-6)]2-acetamido-2-deoxy-beta-D-glucopyranose'
4 non-polymer GLYCEROL
5 water water
#
loop_
_entity_poly.entity_id
_entity_poly.type
_entity_poly.pdbx_seq_one_letter_code
_entity_poly.pdbx_strand_id
1 'polypeptide(L)'
;QMQLQESGPGLVKPSETLSLTCSVSGASISDSYWSWIRRSPGKGLEWIGYVHKSGDTNYSPSLKSRVNLSLDTSKNQVSL
SLVAATAADSGKYYCARTLHGRRIYGIVAFNEWFTYFYMDVWGNGTQVTVSSASTKGPSVFPLAPSSKSTSGGTAALGCL
VKDYFPEPVTVSWNSGALTSGVHTFPAVLQSSGLYSLSSVVTVPSSSLGTQTYICNVNHKPSNTKVDKRVEPKSC
;
B
2 'polypeptide(L)'
;SDISVAPGETARISCGEKSLGSRAVQWYQHRAGQAPSLIIYNNQDRPSGIPERFSGSPDSPFGTTATLTITSVEAGDEAD
YYCHIWDSRVPTKWVFGGGTTLTVLGQPKAAPSVTLFPPSSEELQANKATLVCLISDFYPGAVTVAWKADSSPVKAGVET
TTPSKQSNNKYAASSYLSLTPEQWKSHKSYSCQVTHEGSTVEKTVAPTECS
;
A
#
# COMPACT_ATOMS: atom_id res chain seq x y z
N GLN A 1 -27.73 -7.17 -1.64
CA GLN A 1 -26.93 -8.40 -1.60
C GLN A 1 -26.12 -8.55 -0.32
N MET A 2 -25.12 -9.40 -0.39
CA MET A 2 -24.20 -9.56 0.69
C MET A 2 -23.19 -8.44 0.63
N GLN A 3 -23.04 -7.74 1.75
CA GLN A 3 -21.99 -6.77 1.88
C GLN A 3 -21.30 -7.03 3.21
N LEU A 4 -19.99 -6.80 3.25
CA LEU A 4 -19.24 -7.02 4.46
C LEU A 4 -18.63 -5.71 4.89
N GLN A 5 -18.54 -5.49 6.19
CA GLN A 5 -17.80 -4.32 6.65
C GLN A 5 -17.00 -4.57 7.91
N GLU A 6 -15.71 -4.75 7.69
CA GLU A 6 -14.75 -4.78 8.76
C GLU A 6 -14.72 -3.44 9.51
N SER A 7 -14.66 -3.48 10.82
CA SER A 7 -14.50 -2.26 11.57
C SER A 7 -13.74 -2.64 12.81
N GLY A 8 -13.16 -1.66 13.46
CA GLY A 8 -12.43 -1.93 14.68
C GLY A 8 -11.38 -0.86 14.88
N PRO A 9 -10.82 -0.80 16.09
CA PRO A 9 -9.79 0.16 16.43
C PRO A 9 -8.76 0.17 15.33
N GLY A 10 -8.65 1.29 14.61
CA GLY A 10 -7.75 1.37 13.50
C GLY A 10 -6.31 1.31 13.98
N LEU A 11 -6.13 1.65 15.24
CA LEU A 11 -4.80 1.71 15.82
C LEU A 11 -4.81 0.94 17.13
N VAL A 12 -3.73 0.20 17.38
CA VAL A 12 -3.64 -0.74 18.48
C VAL A 12 -2.21 -0.73 19.00
N LYS A 13 -2.04 -0.52 20.30
CA LYS A 13 -0.69 -0.46 20.87
C LYS A 13 -0.14 -1.90 20.91
N PRO A 14 1.16 -2.08 20.60
CA PRO A 14 1.75 -3.43 20.65
C PRO A 14 1.44 -4.15 21.95
N SER A 15 1.16 -5.45 21.87
CA SER A 15 0.79 -6.32 23.00
C SER A 15 -0.69 -6.24 23.30
N GLU A 16 -1.35 -5.20 22.85
CA GLU A 16 -2.80 -5.13 23.00
C GLU A 16 -3.48 -6.10 22.05
N THR A 17 -4.78 -6.27 22.25
CA THR A 17 -5.53 -7.22 21.46
C THR A 17 -6.21 -6.51 20.30
N LEU A 18 -5.82 -6.91 19.11
CA LEU A 18 -6.48 -6.47 17.91
C LEU A 18 -7.81 -7.18 17.85
N SER A 19 -8.90 -6.44 17.89
CA SER A 19 -10.18 -7.06 17.67
C SER A 19 -10.92 -6.36 16.56
N LEU A 20 -11.30 -7.13 15.56
CA LEU A 20 -12.05 -6.58 14.45
C LEU A 20 -13.40 -7.24 14.35
N THR A 21 -14.27 -6.58 13.61
CA THR A 21 -15.65 -6.98 13.50
C THR A 21 -16.04 -6.87 12.05
N CYS A 22 -16.60 -7.93 11.52
CA CYS A 22 -17.14 -7.91 10.17
C CYS A 22 -18.63 -7.89 10.32
N SER A 23 -19.25 -6.82 9.86
CA SER A 23 -20.68 -6.69 9.93
C SER A 23 -21.20 -7.09 8.58
N VAL A 24 -21.98 -8.16 8.55
CA VAL A 24 -22.55 -8.67 7.31
C VAL A 24 -23.98 -8.19 7.16
N SER A 25 -24.30 -7.64 6.00
CA SER A 25 -25.67 -7.22 5.75
C SER A 25 -26.23 -7.86 4.49
N GLY A 26 -27.51 -8.22 4.55
CA GLY A 26 -28.18 -8.83 3.42
C GLY A 26 -27.75 -10.26 3.17
N ALA A 27 -27.45 -10.97 4.26
CA ALA A 27 -27.11 -12.39 4.20
C ALA A 27 -26.92 -12.84 5.63
N SER A 28 -27.20 -14.11 5.92
CA SER A 28 -26.93 -14.61 7.25
C SER A 28 -25.52 -15.17 7.34
N ILE A 29 -24.84 -14.87 8.45
CA ILE A 29 -23.52 -15.44 8.66
C ILE A 29 -23.64 -16.94 8.73
N SER A 30 -24.80 -17.41 9.16
CA SER A 30 -25.04 -18.83 9.37
C SER A 30 -25.10 -19.60 8.06
N ASP A 31 -25.23 -18.87 6.96
CA ASP A 31 -25.33 -19.48 5.66
C ASP A 31 -23.98 -19.70 5.00
N SER A 32 -22.92 -19.23 5.65
CA SER A 32 -21.61 -19.23 5.02
C SER A 32 -20.50 -19.53 6.00
N TYR A 33 -19.36 -19.97 5.47
CA TYR A 33 -18.11 -19.87 6.19
C TYR A 33 -17.63 -18.43 6.08
N TRP A 34 -16.77 -18.03 7.00
CA TRP A 34 -16.27 -16.67 7.03
C TRP A 34 -14.79 -16.67 7.28
N SER A 35 -14.06 -15.97 6.42
CA SER A 35 -12.64 -15.83 6.63
C SER A 35 -12.26 -14.43 6.97
N TRP A 36 -11.15 -14.33 7.68
CA TRP A 36 -10.45 -13.09 7.83
C TRP A 36 -9.17 -13.20 7.07
N ILE A 37 -8.83 -12.16 6.36
CA ILE A 37 -7.61 -12.15 5.57
C ILE A 37 -6.97 -10.81 5.87
N ARG A 38 -5.66 -10.79 6.00
CA ARG A 38 -5.02 -9.49 6.10
C ARG A 38 -4.00 -9.36 4.99
N ARG A 39 -3.82 -8.12 4.53
CA ARG A 39 -2.72 -7.78 3.65
C ARG A 39 -1.75 -7.06 4.52
N SER A 40 -0.66 -7.74 4.87
CA SER A 40 0.41 -7.12 5.63
C SER A 40 1.32 -6.37 4.65
N PRO A 41 1.71 -5.14 5.04
CA PRO A 41 2.44 -4.21 4.17
C PRO A 41 3.63 -4.91 3.58
N GLY A 42 4.24 -5.79 4.38
CA GLY A 42 5.23 -6.73 3.90
C GLY A 42 4.73 -7.60 2.76
N LYS A 43 4.16 -8.76 3.08
CA LYS A 43 3.88 -9.72 2.02
C LYS A 43 2.42 -10.14 1.82
N GLY A 44 1.72 -9.33 1.04
CA GLY A 44 0.45 -9.72 0.46
C GLY A 44 -0.58 -10.35 1.36
N LEU A 45 -1.36 -11.25 0.78
CA LEU A 45 -2.55 -11.74 1.43
C LEU A 45 -2.31 -12.93 2.34
N GLU A 46 -2.52 -12.70 3.63
CA GLU A 46 -2.48 -13.76 4.60
C GLU A 46 -3.89 -14.08 4.99
N TRP A 47 -4.31 -15.29 4.65
CA TRP A 47 -5.55 -15.84 5.12
C TRP A 47 -5.40 -16.09 6.60
N ILE A 48 -6.18 -15.41 7.42
CA ILE A 48 -6.00 -15.48 8.86
C ILE A 48 -6.66 -16.73 9.42
N GLY A 49 -7.86 -17.00 8.95
CA GLY A 49 -8.58 -18.16 9.40
C GLY A 49 -9.98 -18.10 8.86
N TYR A 50 -10.74 -19.15 9.14
CA TYR A 50 -12.13 -19.21 8.74
C TYR A 50 -12.97 -19.78 9.89
N VAL A 51 -14.27 -19.49 9.86
CA VAL A 51 -15.16 -19.95 10.94
C VAL A 51 -16.57 -20.19 10.43
N HIS A 52 -17.18 -21.30 10.87
CA HIS A 52 -18.55 -21.65 10.53
C HIS A 52 -19.33 -21.95 11.81
N LYS A 53 -20.65 -21.80 11.76
CA LYS A 53 -21.52 -22.28 12.84
C LYS A 53 -21.25 -23.77 13.08
N SER A 54 -20.93 -24.48 11.99
CA SER A 54 -20.54 -25.88 12.03
C SER A 54 -19.56 -26.15 13.15
N GLY A 55 -18.63 -25.23 13.34
CA GLY A 55 -17.49 -25.47 14.21
C GLY A 55 -16.33 -25.88 13.33
N ASP A 56 -16.60 -25.97 12.03
CA ASP A 56 -15.53 -26.11 11.06
C ASP A 56 -14.79 -24.78 11.01
N THR A 57 -13.76 -24.68 11.84
CA THR A 57 -13.07 -23.43 12.06
C THR A 57 -11.60 -23.72 12.19
N ASN A 58 -10.81 -23.00 11.42
CA ASN A 58 -9.37 -23.17 11.46
C ASN A 58 -8.65 -21.86 11.30
N TYR A 59 -7.44 -21.85 11.84
CA TYR A 59 -6.68 -20.64 11.95
C TYR A 59 -5.35 -20.86 11.24
N SER A 60 -4.83 -19.81 10.60
CA SER A 60 -3.46 -19.83 10.06
C SER A 60 -2.51 -20.29 11.14
N PRO A 61 -1.73 -21.33 10.85
CA PRO A 61 -0.85 -21.90 11.88
C PRO A 61 0.03 -20.84 12.50
N SER A 62 0.47 -19.87 11.70
CA SER A 62 1.27 -18.76 12.21
C SER A 62 0.49 -17.89 13.18
N LEU A 63 -0.83 -18.02 13.19
CA LEU A 63 -1.64 -17.17 14.05
C LEU A 63 -2.50 -17.96 15.02
N LYS A 64 -2.48 -19.28 14.88
CA LYS A 64 -3.43 -20.13 15.61
C LYS A 64 -3.35 -19.83 17.11
N SER A 65 -2.13 -19.65 17.61
CA SER A 65 -1.92 -19.42 19.03
C SER A 65 -2.53 -18.11 19.49
N ARG A 66 -2.70 -17.15 18.60
CA ARG A 66 -3.09 -15.81 18.99
C ARG A 66 -4.47 -15.35 18.53
N VAL A 67 -5.04 -16.09 17.59
CA VAL A 67 -6.21 -15.56 16.93
C VAL A 67 -7.46 -16.30 17.33
N ASN A 68 -8.56 -15.55 17.36
CA ASN A 68 -9.85 -16.13 17.59
C ASN A 68 -10.86 -15.54 16.64
N LEU A 69 -11.23 -16.31 15.64
CA LEU A 69 -12.39 -15.96 14.84
C LEU A 69 -13.62 -16.45 15.59
N SER A 70 -14.75 -15.84 15.30
CA SER A 70 -15.93 -16.03 16.13
C SER A 70 -17.16 -15.44 15.44
N LEU A 71 -18.27 -16.16 15.53
CA LEU A 71 -19.51 -15.72 14.90
C LEU A 71 -20.54 -15.29 15.93
N ASP A 72 -21.27 -14.22 15.63
CA ASP A 72 -22.32 -13.77 16.53
C ASP A 72 -23.60 -13.66 15.76
N THR A 73 -24.38 -14.72 15.77
CA THR A 73 -25.53 -14.84 14.89
C THR A 73 -26.56 -13.76 15.13
N SER A 74 -26.71 -13.37 16.40
CA SER A 74 -27.68 -12.35 16.77
C SER A 74 -27.22 -10.97 16.28
N LYS A 75 -25.95 -10.67 16.49
CA LYS A 75 -25.35 -9.43 15.99
C LYS A 75 -25.01 -9.51 14.50
N ASN A 76 -25.13 -10.72 13.93
CA ASN A 76 -24.73 -11.03 12.55
C ASN A 76 -23.35 -10.48 12.21
N GLN A 77 -22.37 -10.97 12.94
CA GLN A 77 -21.03 -10.46 12.82
C GLN A 77 -19.99 -11.54 12.90
N VAL A 78 -18.99 -11.42 12.04
CA VAL A 78 -17.78 -12.18 12.21
C VAL A 78 -16.82 -11.30 12.98
N SER A 79 -16.03 -11.92 13.85
CA SER A 79 -15.16 -11.18 14.73
C SER A 79 -13.81 -11.81 14.71
N LEU A 80 -12.79 -10.95 14.66
CA LEU A 80 -11.45 -11.43 14.75
C LEU A 80 -10.85 -10.88 16.03
N SER A 81 -10.12 -11.74 16.74
CA SER A 81 -9.42 -11.35 17.94
C SER A 81 -8.00 -11.80 17.74
N LEU A 82 -7.07 -10.85 17.76
CA LEU A 82 -5.66 -11.18 17.65
C LEU A 82 -4.91 -10.62 18.85
N VAL A 83 -4.69 -11.47 19.85
CA VAL A 83 -4.06 -11.03 21.08
C VAL A 83 -2.58 -10.78 20.85
N ALA A 84 -1.95 -10.03 21.76
CA ALA A 84 -0.50 -9.86 21.74
C ALA A 84 -0.06 -9.34 20.38
N ALA A 85 -0.73 -8.30 19.92
CA ALA A 85 -0.44 -7.78 18.59
C ALA A 85 0.95 -7.16 18.51
N THR A 86 1.56 -7.24 17.32
CA THR A 86 2.82 -6.58 17.02
C THR A 86 2.71 -5.83 15.72
N ALA A 87 3.76 -5.10 15.37
CA ALA A 87 3.81 -4.37 14.12
C ALA A 87 3.56 -5.29 12.93
N ALA A 88 3.89 -6.56 13.06
CA ALA A 88 3.70 -7.50 11.96
C ALA A 88 2.22 -7.76 11.74
N ASP A 89 1.41 -7.35 12.69
CA ASP A 89 0.00 -7.59 12.60
C ASP A 89 -0.67 -6.39 12.02
N SER A 90 0.12 -5.38 11.69
CA SER A 90 -0.41 -4.24 10.99
C SER A 90 -0.78 -4.72 9.61
N GLY A 91 -1.82 -4.12 9.04
CA GLY A 91 -2.18 -4.41 7.68
C GLY A 91 -3.64 -4.11 7.46
N LYS A 92 -4.13 -4.34 6.25
CA LYS A 92 -5.56 -4.22 6.01
C LYS A 92 -6.20 -5.56 6.29
N TYR A 93 -7.25 -5.57 7.08
CA TYR A 93 -7.89 -6.84 7.41
C TYR A 93 -9.21 -6.94 6.70
N TYR A 94 -9.33 -7.98 5.90
CA TYR A 94 -10.53 -8.24 5.15
C TYR A 94 -11.33 -9.35 5.78
N CYS A 95 -12.62 -9.14 5.84
CA CYS A 95 -13.54 -10.22 6.12
C CYS A 95 -14.00 -10.76 4.76
N ALA A 96 -14.26 -12.05 4.70
CA ALA A 96 -14.76 -12.59 3.45
C ALA A 96 -15.66 -13.81 3.66
N ARG A 97 -16.77 -13.85 2.93
CA ARG A 97 -17.50 -15.08 2.90
C ARG A 97 -16.58 -16.09 2.26
N THR A 98 -16.47 -17.23 2.90
CA THR A 98 -15.71 -18.30 2.34
C THR A 98 -16.68 -19.39 1.88
N LEU A 99 -16.58 -19.71 0.59
CA LEU A 99 -17.30 -20.83 0.02
C LEU A 99 -16.31 -21.95 -0.01
N HIS A 100 -16.78 -23.14 -0.33
CA HIS A 100 -15.88 -24.27 -0.44
C HIS A 100 -16.31 -25.24 -1.54
N GLY A 101 -15.37 -26.07 -1.97
CA GLY A 101 -15.66 -27.04 -2.99
C GLY A 101 -14.88 -28.28 -2.68
N ARG A 102 -15.35 -29.40 -3.22
CA ARG A 102 -14.55 -30.61 -3.20
C ARG A 102 -13.75 -30.62 -4.48
N ARG A 103 -12.45 -30.86 -4.38
CA ARG A 103 -11.71 -31.18 -5.58
C ARG A 103 -11.61 -32.67 -5.53
N ILE A 104 -12.26 -33.32 -6.49
CA ILE A 104 -12.28 -34.78 -6.56
C ILE A 104 -11.41 -35.19 -7.74
N TYR A 105 -10.20 -35.64 -7.44
CA TYR A 105 -9.20 -35.86 -8.48
C TYR A 105 -8.92 -37.33 -8.72
N GLY A 106 -9.33 -38.16 -7.76
CA GLY A 106 -9.30 -39.59 -7.92
C GLY A 106 -10.67 -40.11 -7.61
N ILE A 107 -10.78 -41.10 -6.73
CA ILE A 107 -12.09 -41.49 -6.26
C ILE A 107 -12.19 -41.31 -4.76
N VAL A 108 -13.30 -40.69 -4.34
CA VAL A 108 -13.65 -40.49 -2.94
C VAL A 108 -13.22 -41.67 -2.05
N ALA A 109 -13.42 -42.88 -2.57
CA ALA A 109 -13.07 -44.10 -1.87
C ALA A 109 -11.62 -44.09 -1.44
N PHE A 110 -10.72 -43.92 -2.40
CA PHE A 110 -9.29 -43.82 -2.11
C PHE A 110 -8.92 -42.53 -1.38
N ASN A 111 -9.93 -41.81 -0.91
CA ASN A 111 -9.75 -40.49 -0.28
C ASN A 111 -9.08 -39.50 -1.19
N GLU A 112 -9.22 -39.69 -2.50
CA GLU A 112 -8.55 -38.82 -3.45
C GLU A 112 -9.42 -37.60 -3.79
N TRP A 113 -9.78 -36.88 -2.73
CA TRP A 113 -10.43 -35.60 -2.82
C TRP A 113 -9.94 -34.70 -1.68
N PHE A 114 -10.33 -33.43 -1.73
CA PHE A 114 -10.11 -32.53 -0.61
C PHE A 114 -11.09 -31.37 -0.66
N THR A 115 -11.35 -30.76 0.49
CA THR A 115 -12.17 -29.57 0.54
C THR A 115 -11.27 -28.36 0.34
N TYR A 116 -11.59 -27.52 -0.65
CA TYR A 116 -10.90 -26.25 -0.77
C TYR A 116 -11.83 -25.10 -0.47
N PHE A 117 -11.27 -24.01 0.01
CA PHE A 117 -12.04 -22.84 0.35
C PHE A 117 -11.69 -21.66 -0.53
N TYR A 118 -12.66 -20.79 -0.71
CA TYR A 118 -12.41 -19.64 -1.54
C TYR A 118 -13.34 -18.53 -1.16
N MET A 119 -12.89 -17.30 -1.35
CA MET A 119 -13.62 -16.15 -0.87
C MET A 119 -14.19 -15.38 -2.05
N ASP A 120 -15.51 -15.40 -2.17
CA ASP A 120 -16.19 -14.81 -3.30
C ASP A 120 -16.53 -13.37 -2.99
N VAL A 121 -16.86 -13.12 -1.73
CA VAL A 121 -17.28 -11.80 -1.30
C VAL A 121 -16.36 -11.28 -0.22
N TRP A 122 -15.63 -10.22 -0.54
CA TRP A 122 -14.74 -9.56 0.41
C TRP A 122 -15.28 -8.23 0.87
N GLY A 123 -15.09 -7.94 2.15
CA GLY A 123 -15.32 -6.59 2.65
C GLY A 123 -14.21 -5.70 2.15
N ASN A 124 -14.40 -4.39 2.25
CA ASN A 124 -13.39 -3.44 1.82
C ASN A 124 -12.07 -3.58 2.55
N GLY A 125 -12.13 -4.15 3.75
CA GLY A 125 -10.96 -4.22 4.60
C GLY A 125 -10.86 -3.00 5.47
N THR A 126 -10.42 -3.18 6.71
CA THR A 126 -10.16 -2.06 7.60
C THR A 126 -8.69 -2.02 7.94
N GLN A 127 -8.06 -0.88 7.74
CA GLN A 127 -6.64 -0.81 8.05
C GLN A 127 -6.45 -0.87 9.54
N VAL A 128 -5.47 -1.66 9.97
CA VAL A 128 -5.08 -1.73 11.37
C VAL A 128 -3.58 -1.52 11.52
N THR A 129 -3.22 -0.51 12.30
CA THR A 129 -1.82 -0.28 12.59
C THR A 129 -1.55 -0.65 14.01
N VAL A 130 -0.56 -1.52 14.20
CA VAL A 130 -0.07 -1.79 15.53
C VAL A 130 1.16 -0.94 15.70
N SER A 131 1.08 0.06 16.58
CA SER A 131 2.15 1.03 16.72
C SER A 131 2.29 1.54 18.15
N SER A 132 3.54 1.66 18.57
CA SER A 132 3.87 2.14 19.89
C SER A 132 3.65 3.65 19.90
N ALA A 133 3.54 4.20 18.69
CA ALA A 133 3.41 5.64 18.49
C ALA A 133 2.26 6.25 19.26
N SER A 134 2.53 7.37 19.90
CA SER A 134 1.46 8.13 20.51
C SER A 134 1.27 9.38 19.68
N THR A 135 0.09 9.98 19.81
CA THR A 135 -0.25 11.16 19.05
C THR A 135 0.83 12.19 19.16
N LYS A 136 1.40 12.54 18.03
CA LYS A 136 2.44 13.54 17.97
C LYS A 136 2.09 14.55 16.89
N GLY A 137 2.05 15.82 17.24
CA GLY A 137 1.87 16.86 16.26
C GLY A 137 3.13 17.12 15.44
N PRO A 138 2.96 17.73 14.27
CA PRO A 138 4.07 17.92 13.33
C PRO A 138 4.94 19.14 13.60
N SER A 139 6.24 18.94 13.51
CA SER A 139 7.12 20.05 13.23
C SER A 139 6.88 20.40 11.77
N VAL A 140 6.60 21.67 11.53
CA VAL A 140 6.44 22.11 10.17
C VAL A 140 7.60 22.97 9.77
N PHE A 141 8.34 22.53 8.75
CA PHE A 141 9.46 23.31 8.26
C PHE A 141 9.22 23.90 6.91
N PRO A 142 9.62 25.15 6.71
CA PRO A 142 9.56 25.77 5.39
C PRO A 142 10.50 25.09 4.41
N LEU A 143 10.00 24.79 3.23
CA LEU A 143 10.87 24.43 2.13
C LEU A 143 10.98 25.67 1.27
N ALA A 144 11.96 26.52 1.61
CA ALA A 144 12.22 27.76 0.91
C ALA A 144 12.25 27.54 -0.59
N PRO A 145 11.73 28.52 -1.36
CA PRO A 145 11.64 28.58 -2.83
C PRO A 145 12.85 28.00 -3.59
N SER A 146 12.56 27.23 -4.64
CA SER A 146 13.58 26.57 -5.44
C SER A 146 13.13 26.50 -6.90
N SER A 147 13.93 27.07 -7.80
CA SER A 147 13.53 27.11 -9.20
C SER A 147 14.02 25.90 -10.00
N LYS A 148 14.95 25.15 -9.43
CA LYS A 148 15.66 24.11 -10.16
C LYS A 148 14.76 23.10 -10.86
N SER A 149 13.65 22.77 -10.20
CA SER A 149 12.83 21.62 -10.56
C SER A 149 11.57 21.99 -11.34
N THR A 150 11.26 23.28 -11.38
CA THR A 150 10.00 23.74 -11.95
C THR A 150 10.16 24.29 -13.36
N SER A 151 9.07 24.76 -13.93
CA SER A 151 9.12 25.34 -15.27
C SER A 151 9.62 26.76 -15.12
N GLY A 152 9.92 27.38 -16.24
CA GLY A 152 10.42 28.74 -16.24
C GLY A 152 9.48 29.74 -15.57
N GLY A 153 10.10 30.72 -14.93
CA GLY A 153 9.37 31.84 -14.35
C GLY A 153 8.70 31.43 -13.07
N THR A 154 8.80 30.14 -12.76
CA THR A 154 8.16 29.60 -11.56
C THR A 154 9.18 29.00 -10.63
N ALA A 155 8.78 28.84 -9.37
CA ALA A 155 9.60 28.21 -8.35
C ALA A 155 8.71 27.38 -7.45
N ALA A 156 9.26 26.31 -6.91
CA ALA A 156 8.56 25.49 -5.95
C ALA A 156 8.98 25.89 -4.54
N LEU A 157 7.98 26.07 -3.69
CA LEU A 157 8.25 26.21 -2.28
C LEU A 157 7.30 25.28 -1.56
N GLY A 158 7.66 24.89 -0.36
CA GLY A 158 6.82 23.96 0.32
C GLY A 158 6.91 24.03 1.82
N CYS A 159 6.08 23.24 2.45
CA CYS A 159 6.18 23.00 3.86
C CYS A 159 6.46 21.52 4.04
N LEU A 160 7.53 21.23 4.76
CA LEU A 160 7.80 19.89 5.22
C LEU A 160 7.04 19.69 6.52
N VAL A 161 6.17 18.69 6.54
CA VAL A 161 5.36 18.41 7.70
C VAL A 161 5.89 17.15 8.34
N LYS A 162 6.72 17.34 9.35
CA LYS A 162 7.63 16.31 9.81
C LYS A 162 7.25 15.70 11.15
N ASP A 163 7.31 14.37 11.22
CA ASP A 163 7.13 13.62 12.46
C ASP A 163 5.79 13.87 13.15
N TYR A 164 4.70 13.60 12.46
CA TYR A 164 3.42 13.68 13.11
C TYR A 164 2.79 12.28 13.22
N PHE A 165 1.73 12.19 14.02
CA PHE A 165 1.05 10.94 14.24
C PHE A 165 -0.23 11.15 15.03
N PRO A 166 -1.30 10.43 14.67
CA PRO A 166 -1.40 9.53 13.52
C PRO A 166 -1.71 10.34 12.28
N GLU A 167 -2.06 9.67 11.19
CA GLU A 167 -2.61 10.35 10.03
C GLU A 167 -3.97 10.89 10.43
N PRO A 168 -4.46 11.94 9.75
CA PRO A 168 -3.87 12.61 8.59
C PRO A 168 -3.38 14.00 8.92
N VAL A 169 -2.74 14.62 7.94
CA VAL A 169 -2.45 16.03 7.99
C VAL A 169 -3.16 16.64 6.80
N THR A 170 -3.68 17.85 6.98
CA THR A 170 -4.23 18.64 5.90
C THR A 170 -3.31 19.82 5.66
N VAL A 171 -2.97 20.05 4.40
CA VAL A 171 -2.24 21.25 4.05
C VAL A 171 -2.99 22.03 3.01
N SER A 172 -3.21 23.30 3.31
CA SER A 172 -3.68 24.22 2.32
C SER A 172 -2.63 25.30 2.28
N TRP A 173 -2.75 26.22 1.33
CA TRP A 173 -1.80 27.30 1.19
C TRP A 173 -2.56 28.60 1.15
N ASN A 174 -2.03 29.61 1.82
CA ASN A 174 -2.64 30.93 1.90
C ASN A 174 -4.13 30.80 2.16
N SER A 175 -4.47 29.84 3.00
CA SER A 175 -5.83 29.59 3.46
C SER A 175 -6.77 29.10 2.36
N GLY A 176 -6.23 28.36 1.40
CA GLY A 176 -7.02 27.85 0.31
C GLY A 176 -7.08 28.82 -0.86
N ALA A 177 -6.63 30.06 -0.63
CA ALA A 177 -6.61 31.07 -1.68
C ALA A 177 -5.54 30.77 -2.74
N LEU A 178 -4.72 29.78 -2.43
CA LEU A 178 -3.76 29.28 -3.39
C LEU A 178 -4.00 27.78 -3.49
N THR A 179 -4.61 27.35 -4.60
CA THR A 179 -4.84 25.94 -4.85
C THR A 179 -4.05 25.53 -6.07
N SER A 180 -3.90 26.50 -6.96
CA SER A 180 -3.20 26.27 -8.21
C SER A 180 -1.74 25.95 -7.97
N GLY A 181 -1.29 24.82 -8.49
CA GLY A 181 0.11 24.45 -8.44
C GLY A 181 0.50 23.78 -7.14
N VAL A 182 -0.49 23.49 -6.30
CA VAL A 182 -0.23 22.82 -5.02
C VAL A 182 -0.20 21.30 -5.19
N HIS A 183 0.87 20.69 -4.67
CA HIS A 183 1.03 19.25 -4.65
C HIS A 183 1.38 18.82 -3.24
N THR A 184 0.38 18.32 -2.52
CA THR A 184 0.62 17.75 -1.22
C THR A 184 0.90 16.27 -1.42
N PHE A 185 2.11 15.86 -1.07
CA PHE A 185 2.50 14.49 -1.25
C PHE A 185 1.91 13.64 -0.15
N PRO A 186 1.58 12.40 -0.47
CA PRO A 186 1.13 11.56 0.64
C PRO A 186 2.26 11.38 1.63
N ALA A 187 1.90 11.13 2.88
CA ALA A 187 2.89 10.97 3.93
C ALA A 187 3.77 9.75 3.71
N VAL A 188 4.87 9.71 4.43
CA VAL A 188 5.71 8.53 4.50
C VAL A 188 5.61 8.03 5.93
N LEU A 189 5.47 6.74 6.11
CA LEU A 189 5.55 6.21 7.44
C LEU A 189 7.02 5.91 7.69
N GLN A 190 7.60 6.59 8.67
CA GLN A 190 9.01 6.42 8.96
C GLN A 190 9.23 5.31 9.97
N SER A 191 10.49 4.96 10.17
CA SER A 191 10.88 3.96 11.15
C SER A 191 10.41 4.37 12.52
N SER A 192 10.37 5.67 12.74
CA SER A 192 9.92 6.27 13.99
C SER A 192 8.51 5.86 14.38
N GLY A 193 7.73 5.41 13.40
CA GLY A 193 6.32 5.19 13.59
C GLY A 193 5.60 6.45 13.22
N LEU A 194 6.39 7.46 12.86
CA LEU A 194 5.82 8.78 12.58
C LEU A 194 5.71 9.07 11.10
N TYR A 195 4.72 9.88 10.77
CA TYR A 195 4.51 10.30 9.41
C TYR A 195 5.19 11.64 9.14
N SER A 196 5.68 11.79 7.92
CA SER A 196 6.07 13.09 7.41
C SER A 196 5.46 13.24 6.03
N LEU A 197 4.96 14.43 5.74
CA LEU A 197 4.63 14.72 4.36
C LEU A 197 5.25 16.04 3.96
N SER A 198 5.17 16.32 2.67
CA SER A 198 5.57 17.63 2.19
C SER A 198 4.45 18.10 1.31
N SER A 199 4.30 19.41 1.23
CA SER A 199 3.40 19.98 0.29
C SER A 199 4.22 21.07 -0.37
N VAL A 200 4.37 20.96 -1.68
CA VAL A 200 5.00 22.00 -2.44
C VAL A 200 3.95 22.70 -3.24
N VAL A 201 4.13 24.00 -3.41
CA VAL A 201 3.33 24.71 -4.39
C VAL A 201 4.28 25.36 -5.37
N THR A 202 3.92 25.36 -6.64
CA THR A 202 4.72 26.00 -7.65
C THR A 202 4.11 27.35 -7.97
N VAL A 203 4.90 28.40 -7.78
CA VAL A 203 4.40 29.77 -7.90
C VAL A 203 5.27 30.58 -8.86
N PRO A 204 4.74 31.71 -9.35
CA PRO A 204 5.56 32.66 -10.10
C PRO A 204 6.81 33.07 -9.34
N SER A 205 7.97 32.98 -9.98
CA SER A 205 9.20 33.46 -9.36
C SER A 205 9.09 34.96 -9.09
N SER A 206 8.44 35.67 -10.00
CA SER A 206 8.17 37.10 -9.81
C SER A 206 7.46 37.40 -8.50
N SER A 207 6.60 36.49 -8.06
CA SER A 207 5.78 36.72 -6.88
C SER A 207 6.52 36.56 -5.54
N LEU A 208 7.68 35.89 -5.56
CA LEU A 208 8.44 35.67 -4.32
C LEU A 208 8.79 37.00 -3.67
N GLY A 209 9.01 38.01 -4.52
CA GLY A 209 9.22 39.35 -4.02
C GLY A 209 8.08 39.77 -3.12
N THR A 210 6.85 39.59 -3.58
CA THR A 210 5.72 40.25 -2.96
C THR A 210 4.73 39.30 -2.29
N GLN A 211 4.28 38.28 -3.03
CA GLN A 211 3.31 37.36 -2.48
C GLN A 211 3.82 36.56 -1.28
N THR A 212 3.06 36.60 -0.21
CA THR A 212 3.44 35.89 0.98
C THR A 212 2.92 34.49 0.80
N TYR A 213 3.74 33.51 1.13
CA TYR A 213 3.26 32.16 1.06
C TYR A 213 3.22 31.54 2.45
N ILE A 214 2.00 31.23 2.87
CA ILE A 214 1.81 30.52 4.11
C ILE A 214 1.15 29.20 3.83
N CYS A 215 1.81 28.13 4.24
CA CYS A 215 1.14 26.84 4.22
C CYS A 215 0.40 26.70 5.53
N ASN A 216 -0.82 26.21 5.45
CA ASN A 216 -1.61 26.00 6.63
C ASN A 216 -1.70 24.52 6.87
N VAL A 217 -0.77 24.02 7.66
CA VAL A 217 -0.80 22.62 8.04
C VAL A 217 -1.82 22.42 9.15
N ASN A 218 -2.72 21.48 8.95
CA ASN A 218 -3.65 21.17 10.02
C ASN A 218 -3.53 19.70 10.33
N HIS A 219 -3.32 19.42 11.60
CA HIS A 219 -3.22 18.05 12.04
C HIS A 219 -4.16 17.86 13.21
N LYS A 220 -5.46 17.80 12.89
CA LYS A 220 -6.51 17.61 13.88
C LYS A 220 -6.22 16.53 14.92
N PRO A 221 -5.62 15.39 14.53
CA PRO A 221 -5.29 14.40 15.56
C PRO A 221 -4.61 14.95 16.81
N SER A 222 -3.83 16.03 16.69
CA SER A 222 -3.11 16.61 17.81
C SER A 222 -3.60 18.01 18.12
N ASN A 223 -4.68 18.41 17.45
CA ASN A 223 -5.20 19.76 17.54
C ASN A 223 -4.16 20.80 17.31
N THR A 224 -3.33 20.54 16.31
CA THR A 224 -2.28 21.47 15.96
C THR A 224 -2.60 22.07 14.62
N LYS A 225 -2.53 23.39 14.56
CA LYS A 225 -2.63 24.10 13.31
C LYS A 225 -1.37 24.92 13.21
N VAL A 226 -0.55 24.62 12.22
CA VAL A 226 0.62 25.46 11.93
C VAL A 226 0.46 26.24 10.64
N ASP A 227 0.73 27.53 10.70
CA ASP A 227 0.74 28.34 9.51
C ASP A 227 2.14 28.84 9.28
N LYS A 228 2.89 28.11 8.46
CA LYS A 228 4.26 28.49 8.12
C LYS A 228 4.34 29.51 7.02
N ARG A 229 4.84 30.68 7.35
CA ARG A 229 5.28 31.63 6.35
C ARG A 229 6.51 30.98 5.73
N VAL A 230 6.48 30.74 4.42
CA VAL A 230 7.66 30.25 3.71
C VAL A 230 8.32 31.38 2.95
N GLU A 231 9.45 31.85 3.47
CA GLU A 231 10.19 32.93 2.83
C GLU A 231 11.33 32.37 1.98
N PRO A 232 11.78 33.13 0.98
CA PRO A 232 12.98 32.76 0.21
C PRO A 232 14.27 33.15 0.90
N ASP B 2 5.83 -9.40 -11.05
CA ASP B 2 5.39 -8.04 -11.37
C ASP B 2 5.60 -7.74 -12.85
N ILE B 3 4.50 -7.61 -13.59
CA ILE B 3 4.60 -7.37 -15.03
C ILE B 3 3.73 -6.26 -15.59
N SER B 4 4.23 -5.64 -16.65
CA SER B 4 3.50 -4.61 -17.36
C SER B 4 3.07 -5.12 -18.72
N VAL B 5 1.82 -4.84 -19.09
CA VAL B 5 1.37 -5.02 -20.48
C VAL B 5 0.53 -3.84 -20.95
N ALA B 6 0.55 -3.61 -22.25
CA ALA B 6 -0.32 -2.64 -22.88
C ALA B 6 -1.73 -3.19 -22.92
N PRO B 7 -2.73 -2.30 -22.92
CA PRO B 7 -4.09 -2.75 -23.17
C PRO B 7 -4.17 -3.58 -24.43
N GLY B 8 -4.91 -4.69 -24.38
CA GLY B 8 -5.07 -5.53 -25.55
C GLY B 8 -4.09 -6.69 -25.55
N GLU B 9 -2.88 -6.44 -25.05
CA GLU B 9 -1.89 -7.50 -24.91
C GLU B 9 -2.43 -8.57 -23.99
N THR B 10 -1.85 -9.75 -24.06
CA THR B 10 -2.28 -10.82 -23.16
C THR B 10 -1.35 -10.96 -21.98
N ALA B 11 -1.93 -10.89 -20.79
CA ALA B 11 -1.18 -11.11 -19.56
C ALA B 11 -1.25 -12.58 -19.15
N ARG B 12 -0.08 -13.19 -19.05
CA ARG B 12 0.01 -14.52 -18.47
C ARG B 12 0.73 -14.32 -17.14
N ILE B 13 0.13 -14.83 -16.07
CA ILE B 13 0.70 -14.70 -14.75
C ILE B 13 0.90 -16.06 -14.08
N SER B 14 2.15 -16.42 -13.84
CA SER B 14 2.47 -17.61 -13.08
C SER B 14 2.45 -17.30 -11.59
N CYS B 15 2.06 -18.29 -10.80
CA CYS B 15 2.09 -18.15 -9.36
C CYS B 15 2.19 -19.50 -8.63
N GLY B 16 2.92 -19.52 -7.53
CA GLY B 16 3.09 -20.73 -6.74
C GLY B 16 4.09 -21.72 -7.27
N GLU B 17 4.34 -22.76 -6.49
CA GLU B 17 5.27 -23.80 -6.90
C GLU B 17 4.65 -24.63 -8.02
N LYS B 18 5.41 -25.59 -8.53
CA LYS B 18 4.89 -26.50 -9.54
C LYS B 18 3.99 -27.49 -8.83
N SER B 19 2.93 -27.93 -9.50
CA SER B 19 1.94 -28.78 -8.85
C SER B 19 2.54 -30.11 -8.43
N LEU B 20 2.14 -30.58 -7.25
CA LEU B 20 2.62 -31.86 -6.75
C LEU B 20 1.50 -32.89 -6.93
N GLY B 21 0.42 -32.69 -6.19
CA GLY B 21 -0.74 -33.52 -6.34
C GLY B 21 -1.75 -32.81 -7.20
N SER B 22 -3.01 -32.96 -6.89
CA SER B 22 -4.00 -32.31 -7.70
C SER B 22 -4.48 -31.04 -7.02
N ARG B 23 -4.97 -30.10 -7.82
CA ARG B 23 -5.21 -28.77 -7.32
C ARG B 23 -6.58 -28.23 -7.61
N ALA B 24 -7.00 -27.36 -6.70
CA ALA B 24 -8.03 -26.38 -6.96
C ALA B 24 -7.31 -25.06 -6.72
N VAL B 25 -7.06 -24.32 -7.79
CA VAL B 25 -6.40 -23.04 -7.63
C VAL B 25 -7.43 -21.92 -7.77
N GLN B 26 -7.42 -21.01 -6.81
CA GLN B 26 -8.25 -19.84 -6.89
C GLN B 26 -7.41 -18.68 -7.33
N TRP B 27 -7.98 -17.79 -8.13
CA TRP B 27 -7.30 -16.54 -8.38
C TRP B 27 -8.10 -15.39 -7.84
N TYR B 28 -7.38 -14.44 -7.27
CA TYR B 28 -7.98 -13.27 -6.73
C TYR B 28 -7.30 -12.07 -7.34
N GLN B 29 -8.10 -11.06 -7.61
CA GLN B 29 -7.61 -9.83 -8.17
C GLN B 29 -7.74 -8.77 -7.10
N HIS B 30 -6.65 -8.08 -6.83
CA HIS B 30 -6.69 -7.03 -5.85
C HIS B 30 -6.34 -5.68 -6.50
N ARG B 31 -7.38 -4.93 -6.85
CA ARG B 31 -7.19 -3.63 -7.45
C ARG B 31 -6.85 -2.65 -6.36
N ALA B 32 -6.05 -1.64 -6.70
CA ALA B 32 -5.54 -0.73 -5.70
C ALA B 32 -6.67 0.00 -5.00
N GLY B 33 -6.79 -0.24 -3.69
CA GLY B 33 -7.79 0.42 -2.86
C GLY B 33 -9.06 -0.38 -2.75
N GLN B 34 -9.32 -1.23 -3.74
CA GLN B 34 -10.52 -2.05 -3.77
C GLN B 34 -10.40 -3.26 -2.86
N ALA B 35 -11.54 -3.90 -2.61
CA ALA B 35 -11.55 -5.22 -2.03
C ALA B 35 -11.08 -6.21 -3.07
N PRO B 36 -10.41 -7.27 -2.64
CA PRO B 36 -10.09 -8.34 -3.59
C PRO B 36 -11.36 -9.00 -4.13
N SER B 37 -11.21 -9.68 -5.25
CA SER B 37 -12.32 -10.41 -5.79
C SER B 37 -11.83 -11.73 -6.30
N LEU B 38 -12.65 -12.75 -6.12
CA LEU B 38 -12.40 -14.04 -6.69
C LEU B 38 -12.59 -13.89 -8.17
N ILE B 39 -11.60 -14.29 -8.94
CA ILE B 39 -11.73 -14.23 -10.39
C ILE B 39 -11.64 -15.61 -11.02
N ILE B 40 -11.03 -16.54 -10.30
CA ILE B 40 -10.99 -17.92 -10.73
C ILE B 40 -11.05 -18.80 -9.51
N TYR B 41 -11.91 -19.81 -9.55
CA TYR B 41 -11.90 -20.87 -8.56
C TYR B 41 -11.83 -22.19 -9.28
N ASN B 42 -11.47 -23.24 -8.53
CA ASN B 42 -11.37 -24.58 -9.08
C ASN B 42 -10.54 -24.56 -10.35
N ASN B 43 -9.36 -23.94 -10.23
CA ASN B 43 -8.40 -23.87 -11.32
C ASN B 43 -8.81 -23.03 -12.51
N GLN B 44 -10.00 -23.27 -13.03
CA GLN B 44 -10.38 -22.65 -14.27
C GLN B 44 -11.74 -22.00 -14.23
N ASP B 45 -12.53 -22.32 -13.22
CA ASP B 45 -13.91 -21.85 -13.21
C ASP B 45 -13.99 -20.36 -12.87
N ARG B 46 -14.51 -19.58 -13.81
CA ARG B 46 -14.77 -18.16 -13.60
C ARG B 46 -16.08 -18.01 -12.83
N PRO B 47 -16.04 -17.31 -11.70
CA PRO B 47 -17.30 -17.00 -11.04
C PRO B 47 -18.19 -16.13 -11.93
N SER B 48 -19.47 -16.11 -11.60
CA SER B 48 -20.43 -15.29 -12.32
C SER B 48 -19.98 -13.83 -12.26
N GLY B 49 -19.88 -13.21 -13.42
CA GLY B 49 -19.40 -11.85 -13.50
C GLY B 49 -18.05 -11.77 -14.19
N ILE B 50 -17.15 -12.68 -13.86
CA ILE B 50 -15.82 -12.63 -14.40
C ILE B 50 -15.80 -12.91 -15.90
N PRO B 51 -15.26 -11.98 -16.68
CA PRO B 51 -15.16 -12.03 -18.15
C PRO B 51 -14.33 -13.20 -18.64
N GLU B 52 -14.66 -13.68 -19.84
CA GLU B 52 -13.99 -14.85 -20.39
C GLU B 52 -12.50 -14.61 -20.63
N ARG B 53 -12.10 -13.34 -20.64
CA ARG B 53 -10.71 -12.95 -20.80
C ARG B 53 -9.81 -13.55 -19.72
N PHE B 54 -10.40 -13.83 -18.57
CA PHE B 54 -9.65 -14.39 -17.47
C PHE B 54 -9.74 -15.88 -17.44
N SER B 55 -8.71 -16.55 -17.94
CA SER B 55 -8.69 -17.99 -17.89
C SER B 55 -7.71 -18.43 -16.83
N GLY B 56 -7.97 -19.58 -16.23
CA GLY B 56 -7.05 -20.18 -15.29
C GLY B 56 -6.30 -21.32 -15.94
N SER B 57 -5.28 -21.83 -15.24
CA SER B 57 -4.52 -22.97 -15.74
C SER B 57 -5.19 -24.27 -15.27
N PRO B 58 -5.17 -25.30 -16.11
CA PRO B 58 -5.82 -26.57 -15.79
C PRO B 58 -5.04 -27.35 -14.74
N ASP B 59 -5.71 -28.30 -14.09
CA ASP B 59 -5.14 -29.00 -12.95
C ASP B 59 -3.90 -29.82 -13.26
N SER B 60 -3.98 -30.71 -14.24
CA SER B 60 -2.84 -31.52 -14.62
C SER B 60 -2.12 -30.85 -15.82
N PRO B 61 -0.93 -31.36 -16.23
CA PRO B 61 -0.17 -32.48 -15.70
C PRO B 61 0.46 -32.06 -14.40
N PHE B 62 0.87 -33.03 -13.60
CA PHE B 62 1.56 -32.75 -12.36
C PHE B 62 2.84 -31.98 -12.71
N GLY B 63 3.24 -31.07 -11.85
CA GLY B 63 4.42 -30.24 -12.10
C GLY B 63 4.07 -28.99 -12.88
N THR B 64 2.77 -28.74 -13.03
CA THR B 64 2.33 -27.54 -13.70
C THR B 64 2.40 -26.34 -12.75
N THR B 65 2.69 -25.18 -13.29
CA THR B 65 2.60 -23.97 -12.49
C THR B 65 1.24 -23.38 -12.77
N ALA B 66 0.54 -23.00 -11.71
CA ALA B 66 -0.74 -22.32 -11.88
C ALA B 66 -0.52 -21.04 -12.68
N THR B 67 -1.43 -20.77 -13.60
CA THR B 67 -1.23 -19.63 -14.47
C THR B 67 -2.53 -18.96 -14.82
N LEU B 68 -2.62 -17.68 -14.47
CA LEU B 68 -3.76 -16.86 -14.85
C LEU B 68 -3.46 -16.23 -16.19
N THR B 69 -4.36 -16.41 -17.14
CA THR B 69 -4.21 -15.78 -18.44
C THR B 69 -5.27 -14.72 -18.59
N ILE B 70 -4.84 -13.48 -18.82
CA ILE B 70 -5.77 -12.42 -19.14
C ILE B 70 -5.50 -11.97 -20.55
N THR B 71 -6.54 -12.01 -21.37
CA THR B 71 -6.42 -11.66 -22.76
C THR B 71 -7.06 -10.30 -22.92
N SER B 72 -6.67 -9.61 -23.98
CA SER B 72 -7.30 -8.33 -24.32
C SER B 72 -7.38 -7.48 -23.06
N VAL B 73 -6.23 -7.37 -22.40
CA VAL B 73 -6.11 -6.65 -21.13
C VAL B 73 -6.64 -5.22 -21.19
N GLU B 74 -7.43 -4.84 -20.18
CA GLU B 74 -7.81 -3.45 -20.03
C GLU B 74 -7.30 -2.84 -18.73
N ALA B 75 -7.54 -1.55 -18.56
CA ALA B 75 -7.02 -0.82 -17.42
C ALA B 75 -7.55 -1.36 -16.11
N GLY B 76 -8.78 -1.88 -16.16
CA GLY B 76 -9.43 -2.42 -14.97
C GLY B 76 -8.74 -3.68 -14.49
N ASP B 77 -7.77 -4.16 -15.25
CA ASP B 77 -7.09 -5.39 -14.91
C ASP B 77 -5.83 -5.14 -14.13
N GLU B 78 -5.45 -3.88 -14.03
CA GLU B 78 -4.29 -3.52 -13.24
C GLU B 78 -4.66 -3.79 -11.79
N ALA B 79 -3.91 -4.70 -11.16
CA ALA B 79 -4.19 -5.10 -9.79
C ALA B 79 -3.04 -5.96 -9.26
N ASP B 80 -3.12 -6.35 -8.00
CA ASP B 80 -2.31 -7.47 -7.56
C ASP B 80 -3.11 -8.72 -7.95
N TYR B 81 -2.40 -9.79 -8.25
CA TYR B 81 -3.06 -11.04 -8.56
C TYR B 81 -2.48 -12.11 -7.68
N TYR B 82 -3.38 -12.75 -6.95
CA TYR B 82 -2.97 -13.80 -6.05
C TYR B 82 -3.60 -15.10 -6.50
N CYS B 83 -2.81 -16.15 -6.54
CA CYS B 83 -3.38 -17.48 -6.59
C CYS B 83 -3.47 -17.96 -5.16
N HIS B 84 -4.48 -18.76 -4.89
CA HIS B 84 -4.50 -19.48 -3.65
C HIS B 84 -4.50 -20.94 -4.03
N ILE B 85 -3.35 -21.58 -3.87
CA ILE B 85 -3.23 -22.96 -4.30
C ILE B 85 -3.66 -23.94 -3.22
N TRP B 86 -4.45 -24.90 -3.63
CA TRP B 86 -4.78 -26.02 -2.80
C TRP B 86 -4.32 -27.20 -3.59
N ASP B 87 -3.35 -27.90 -3.06
CA ASP B 87 -2.77 -29.04 -3.73
C ASP B 87 -2.97 -30.22 -2.79
N SER B 88 -3.30 -31.37 -3.36
CA SER B 88 -3.67 -32.54 -2.58
C SER B 88 -2.48 -33.03 -1.75
N ARG B 89 -1.27 -32.81 -2.26
CA ARG B 89 -0.08 -33.34 -1.61
C ARG B 89 0.77 -32.27 -0.95
N VAL B 90 0.23 -31.05 -0.89
CA VAL B 90 0.90 -29.90 -0.30
C VAL B 90 -0.05 -29.26 0.69
N PRO B 91 0.44 -28.95 1.92
CA PRO B 91 -0.45 -28.45 2.97
C PRO B 91 -1.15 -27.15 2.60
N THR B 92 -2.26 -26.84 3.25
CA THR B 92 -3.11 -25.72 2.83
C THR B 92 -2.36 -24.39 2.99
N LYS B 93 -2.29 -23.65 1.89
CA LYS B 93 -1.58 -22.39 1.92
C LYS B 93 -2.43 -21.38 2.70
N TRP B 94 -1.85 -20.78 3.74
CA TRP B 94 -2.56 -19.73 4.44
C TRP B 94 -2.15 -18.37 3.94
N VAL B 95 -1.08 -18.33 3.16
CA VAL B 95 -0.66 -17.09 2.53
C VAL B 95 -0.85 -17.28 1.06
N PHE B 96 -1.67 -16.42 0.47
CA PHE B 96 -1.93 -16.47 -0.97
C PHE B 96 -0.62 -16.28 -1.70
N GLY B 97 -0.38 -17.12 -2.69
CA GLY B 97 0.78 -16.98 -3.52
C GLY B 97 0.61 -15.76 -4.37
N GLY B 98 1.68 -15.35 -5.04
CA GLY B 98 1.59 -14.25 -5.96
C GLY B 98 1.72 -12.94 -5.21
N GLY B 99 0.83 -12.01 -5.52
CA GLY B 99 1.02 -10.61 -5.19
C GLY B 99 1.68 -10.00 -6.39
N THR B 100 1.66 -10.76 -7.49
CA THR B 100 2.21 -10.33 -8.78
C THR B 100 1.43 -9.14 -9.28
N THR B 101 2.12 -8.01 -9.41
CA THR B 101 1.43 -6.79 -9.76
C THR B 101 1.38 -6.59 -11.25
N LEU B 102 0.18 -6.72 -11.79
CA LEU B 102 -0.04 -6.50 -13.19
C LEU B 102 -0.26 -5.03 -13.43
N THR B 103 0.64 -4.44 -14.20
CA THR B 103 0.52 -3.05 -14.57
C THR B 103 0.01 -2.96 -15.99
N VAL B 104 -1.06 -2.20 -16.17
CA VAL B 104 -1.60 -1.98 -17.49
C VAL B 104 -1.15 -0.60 -17.90
N LEU B 105 -0.17 -0.57 -18.81
CA LEU B 105 0.40 0.67 -19.31
C LEU B 105 -0.60 1.40 -20.17
N GLY B 106 -1.57 2.02 -19.52
CA GLY B 106 -2.62 2.75 -20.20
C GLY B 106 -2.22 4.14 -20.65
N GLN B 107 -0.91 4.41 -20.65
CA GLN B 107 -0.38 5.70 -21.09
C GLN B 107 1.13 5.60 -21.27
N PRO B 108 1.72 6.59 -21.96
CA PRO B 108 3.15 6.42 -22.21
C PRO B 108 4.01 6.79 -21.01
N LYS B 109 5.19 6.19 -20.98
CA LYS B 109 6.17 6.46 -19.97
C LYS B 109 6.39 7.96 -19.80
N ALA B 110 6.34 8.39 -18.55
CA ALA B 110 6.51 9.80 -18.21
C ALA B 110 7.71 9.96 -17.29
N ALA B 111 8.58 10.90 -17.63
CA ALA B 111 9.77 11.14 -16.86
C ALA B 111 9.40 11.75 -15.52
N PRO B 112 10.08 11.31 -14.46
CA PRO B 112 9.88 11.84 -13.11
C PRO B 112 10.42 13.24 -12.96
N SER B 113 9.59 14.13 -12.45
CA SER B 113 10.08 15.42 -12.02
C SER B 113 10.56 15.32 -10.58
N VAL B 114 11.80 15.69 -10.35
CA VAL B 114 12.34 15.60 -9.02
C VAL B 114 12.67 16.95 -8.38
N THR B 115 12.06 17.19 -7.25
CA THR B 115 12.42 18.38 -6.49
C THR B 115 13.13 17.96 -5.23
N LEU B 116 14.26 18.59 -4.98
CA LEU B 116 15.00 18.25 -3.79
C LEU B 116 15.17 19.48 -2.93
N PHE B 117 14.65 19.40 -1.71
CA PHE B 117 14.85 20.48 -0.74
C PHE B 117 15.83 20.10 0.31
N PRO B 118 16.79 20.98 0.56
CA PRO B 118 17.74 20.81 1.67
C PRO B 118 17.05 21.06 3.01
N PRO B 119 17.73 20.73 4.11
CA PRO B 119 17.25 21.09 5.44
C PRO B 119 16.92 22.56 5.51
N SER B 120 15.81 22.90 6.16
CA SER B 120 15.52 24.30 6.44
C SER B 120 16.42 24.73 7.59
N SER B 121 16.73 26.01 7.66
CA SER B 121 17.48 26.52 8.79
C SER B 121 16.74 26.15 10.05
N GLU B 122 15.44 26.46 10.06
CA GLU B 122 14.62 26.17 11.21
C GLU B 122 14.87 24.75 11.64
N GLU B 123 14.84 23.83 10.69
CA GLU B 123 15.07 22.44 11.05
C GLU B 123 16.43 22.24 11.73
N LEU B 124 17.45 22.94 11.27
CA LEU B 124 18.78 22.73 11.79
C LEU B 124 18.84 23.34 13.17
N GLN B 125 18.08 24.42 13.35
CA GLN B 125 18.00 25.06 14.64
C GLN B 125 17.44 24.08 15.65
N ALA B 126 16.54 23.23 15.17
CA ALA B 126 15.88 22.26 16.01
C ALA B 126 16.72 21.00 16.10
N ASN B 127 18.00 21.13 15.75
CA ASN B 127 18.94 20.02 15.76
C ASN B 127 18.49 18.83 14.94
N LYS B 128 17.75 19.10 13.88
CA LYS B 128 17.42 18.05 12.95
C LYS B 128 17.75 18.49 11.52
N ALA B 129 17.73 17.55 10.60
CA ALA B 129 18.00 17.88 9.22
C ALA B 129 17.26 16.91 8.33
N THR B 130 16.37 17.43 7.50
CA THR B 130 15.72 16.55 6.55
C THR B 130 15.88 17.02 5.13
N LEU B 131 16.48 16.15 4.33
CA LEU B 131 16.49 16.30 2.88
C LEU B 131 15.21 15.78 2.30
N VAL B 132 14.49 16.63 1.58
CA VAL B 132 13.27 16.19 0.98
C VAL B 132 13.37 16.05 -0.53
N CYS B 133 13.27 14.81 -1.00
CA CYS B 133 13.14 14.54 -2.41
C CYS B 133 11.69 14.34 -2.80
N LEU B 134 11.18 15.20 -3.65
CA LEU B 134 9.81 15.08 -4.10
C LEU B 134 9.76 14.69 -5.57
N ILE B 135 9.21 13.51 -5.83
CA ILE B 135 9.21 12.94 -7.16
C ILE B 135 7.82 12.96 -7.71
N SER B 136 7.64 13.52 -8.90
CA SER B 136 6.29 13.59 -9.45
C SER B 136 6.20 13.32 -10.94
N ASP B 137 4.98 13.07 -11.40
CA ASP B 137 4.64 12.99 -12.82
C ASP B 137 5.37 11.90 -13.60
N PHE B 138 5.72 10.82 -12.92
CA PHE B 138 6.34 9.70 -13.61
C PHE B 138 5.32 8.59 -13.87
N TYR B 139 5.53 7.87 -14.96
CA TYR B 139 4.74 6.70 -15.31
C TYR B 139 5.64 5.70 -16.03
N PRO B 140 5.56 4.43 -15.66
CA PRO B 140 4.69 3.85 -14.64
C PRO B 140 5.10 4.26 -13.26
N GLY B 141 4.26 3.94 -12.28
CA GLY B 141 4.50 4.33 -10.91
C GLY B 141 5.42 3.39 -10.20
N ALA B 142 6.68 3.40 -10.63
CA ALA B 142 7.73 2.67 -9.96
C ALA B 142 9.04 3.43 -10.11
N VAL B 143 9.54 3.92 -8.98
CA VAL B 143 10.82 4.60 -8.98
C VAL B 143 11.72 3.94 -8.00
N THR B 144 12.99 4.30 -8.07
CA THR B 144 13.98 3.80 -7.16
C THR B 144 14.72 5.01 -6.71
N VAL B 145 14.87 5.14 -5.39
CA VAL B 145 15.50 6.34 -4.86
C VAL B 145 16.65 6.00 -3.96
N ALA B 146 17.85 6.35 -4.41
CA ALA B 146 19.04 6.19 -3.63
C ALA B 146 19.54 7.57 -3.25
N TRP B 147 20.04 7.70 -2.04
CA TRP B 147 20.63 8.95 -1.60
C TRP B 147 22.12 8.78 -1.57
N LYS B 148 22.83 9.87 -1.82
CA LYS B 148 24.28 9.86 -1.75
C LYS B 148 24.77 11.03 -0.90
N ALA B 149 25.64 10.73 0.05
CA ALA B 149 26.36 11.77 0.77
C ALA B 149 27.66 11.92 0.00
N ASP B 150 27.95 13.15 -0.44
CA ASP B 150 28.95 13.35 -1.47
C ASP B 150 28.61 12.36 -2.56
N SER B 151 29.43 11.34 -2.73
CA SER B 151 29.12 10.32 -3.73
C SER B 151 28.96 8.91 -3.16
N SER B 152 28.94 8.80 -1.85
CA SER B 152 28.71 7.51 -1.22
C SER B 152 27.23 7.28 -0.92
N PRO B 153 26.74 6.07 -1.20
CA PRO B 153 25.34 5.77 -0.96
C PRO B 153 25.01 5.84 0.51
N VAL B 154 23.83 6.36 0.84
CA VAL B 154 23.42 6.50 2.22
C VAL B 154 22.34 5.48 2.58
N LYS B 155 22.67 4.62 3.51
CA LYS B 155 21.75 3.60 3.98
C LYS B 155 20.60 4.20 4.80
N ALA B 156 20.95 4.77 5.94
CA ALA B 156 19.97 5.11 6.96
C ALA B 156 19.43 6.50 6.76
N GLY B 157 18.25 6.74 7.33
CA GLY B 157 17.66 8.06 7.32
C GLY B 157 16.70 8.17 6.17
N VAL B 158 16.82 7.22 5.24
CA VAL B 158 16.01 7.22 4.04
C VAL B 158 14.64 6.61 4.30
N GLU B 159 13.62 7.41 4.15
CA GLU B 159 12.26 6.92 4.17
C GLU B 159 11.68 7.38 2.84
N THR B 160 11.26 6.42 2.02
CA THR B 160 10.67 6.72 0.73
C THR B 160 9.24 6.20 0.67
N THR B 161 8.30 7.05 0.25
CA THR B 161 6.93 6.61 0.10
C THR B 161 6.86 5.67 -1.09
N THR B 162 5.86 4.81 -1.11
CA THR B 162 5.53 4.12 -2.34
C THR B 162 4.87 5.16 -3.22
N PRO B 163 4.89 4.91 -4.53
CA PRO B 163 4.26 5.85 -5.47
C PRO B 163 2.79 5.95 -5.20
N SER B 164 2.14 6.98 -5.73
CA SER B 164 0.70 7.16 -5.58
C SER B 164 0.19 7.97 -6.77
N LYS B 165 -0.99 7.62 -7.29
CA LYS B 165 -1.48 8.31 -8.46
C LYS B 165 -1.80 9.75 -8.09
N GLN B 166 -1.17 10.68 -8.80
CA GLN B 166 -1.62 12.07 -8.75
C GLN B 166 -2.89 12.10 -9.59
N SER B 167 -3.56 13.23 -9.62
CA SER B 167 -4.82 13.36 -10.32
C SER B 167 -4.69 13.09 -11.83
N ASN B 168 -3.54 13.47 -12.42
CA ASN B 168 -3.33 13.26 -13.84
C ASN B 168 -2.88 11.85 -14.18
N ASN B 169 -3.26 10.90 -13.32
CA ASN B 169 -2.98 9.48 -13.53
C ASN B 169 -1.49 9.14 -13.60
N LYS B 170 -0.66 10.16 -13.42
CA LYS B 170 0.78 9.93 -13.26
C LYS B 170 1.04 9.69 -11.79
N TYR B 171 2.25 9.24 -11.47
CA TYR B 171 2.56 8.91 -10.09
C TYR B 171 3.45 9.92 -9.40
N ALA B 172 3.39 9.91 -8.08
CA ALA B 172 4.20 10.80 -7.26
C ALA B 172 4.77 10.01 -6.09
N ALA B 173 5.91 10.46 -5.58
CA ALA B 173 6.54 9.82 -4.45
C ALA B 173 7.38 10.81 -3.67
N SER B 174 7.75 10.42 -2.46
CA SER B 174 8.58 11.25 -1.63
C SER B 174 9.69 10.38 -1.16
N SER B 175 10.88 10.95 -1.04
CA SER B 175 11.91 10.31 -0.27
C SER B 175 12.50 11.34 0.67
N TYR B 176 12.63 10.97 1.94
CA TYR B 176 13.24 11.85 2.90
C TYR B 176 14.56 11.24 3.34
N LEU B 177 15.56 12.09 3.48
CA LEU B 177 16.78 11.68 4.14
C LEU B 177 16.89 12.43 5.47
N SER B 178 16.87 11.67 6.55
CA SER B 178 17.02 12.27 7.85
C SER B 178 18.47 12.24 8.28
N LEU B 179 18.95 13.40 8.68
CA LEU B 179 20.33 13.59 9.03
C LEU B 179 20.41 14.32 10.34
N THR B 180 21.54 14.16 11.01
CA THR B 180 21.88 15.07 12.06
C THR B 180 22.41 16.28 11.32
N PRO B 181 22.30 17.46 11.94
CA PRO B 181 22.87 18.69 11.37
C PRO B 181 24.37 18.52 11.13
N GLU B 182 25.01 17.72 11.99
CA GLU B 182 26.41 17.39 11.85
C GLU B 182 26.63 16.74 10.49
N GLN B 183 25.99 15.60 10.29
CA GLN B 183 26.05 14.84 9.03
C GLN B 183 25.90 15.75 7.82
N TRP B 184 24.87 16.58 7.87
CA TRP B 184 24.59 17.54 6.81
C TRP B 184 25.70 18.58 6.61
N LYS B 185 26.05 19.31 7.68
CA LYS B 185 27.08 20.35 7.58
C LYS B 185 28.46 19.80 7.13
N SER B 186 28.69 18.50 7.31
CA SER B 186 30.03 17.95 7.08
C SER B 186 30.32 17.49 5.64
N HIS B 187 29.41 16.74 5.04
CA HIS B 187 29.59 16.31 3.64
C HIS B 187 29.43 17.51 2.69
N LYS B 188 30.21 17.51 1.62
CA LYS B 188 30.17 18.62 0.67
C LYS B 188 28.81 18.68 -0.04
N SER B 189 28.21 17.52 -0.27
CA SER B 189 26.88 17.50 -0.86
C SER B 189 26.06 16.30 -0.41
N TYR B 190 24.78 16.35 -0.75
CA TYR B 190 23.91 15.21 -0.65
C TYR B 190 23.05 15.11 -1.90
N SER B 191 22.84 13.88 -2.35
CA SER B 191 22.13 13.72 -3.60
C SER B 191 20.93 12.79 -3.48
N CYS B 192 19.82 13.23 -4.06
CA CYS B 192 18.67 12.38 -4.21
C CYS B 192 18.67 11.88 -5.63
N GLN B 193 18.84 10.59 -5.80
CA GLN B 193 18.91 10.01 -7.11
C GLN B 193 17.69 9.14 -7.33
N VAL B 194 16.86 9.56 -8.26
CA VAL B 194 15.64 8.86 -8.54
C VAL B 194 15.81 8.11 -9.84
N THR B 195 15.72 6.80 -9.79
CA THR B 195 15.79 6.03 -11.01
C THR B 195 14.40 5.58 -11.37
N HIS B 196 14.02 5.90 -12.59
CA HIS B 196 12.71 5.54 -13.07
C HIS B 196 12.88 4.98 -14.45
N GLU B 197 12.49 3.71 -14.61
CA GLU B 197 12.36 3.11 -15.93
C GLU B 197 13.67 3.27 -16.70
N GLY B 198 14.77 2.96 -16.01
CA GLY B 198 16.09 2.93 -16.61
C GLY B 198 16.84 4.24 -16.59
N SER B 199 16.10 5.33 -16.59
CA SER B 199 16.72 6.65 -16.59
C SER B 199 16.82 7.20 -15.18
N THR B 200 17.78 8.07 -14.96
CA THR B 200 17.97 8.57 -13.61
C THR B 200 18.07 10.07 -13.57
N VAL B 201 17.27 10.65 -12.69
CA VAL B 201 17.38 12.05 -12.32
C VAL B 201 18.01 12.12 -10.95
N GLU B 202 18.97 13.02 -10.79
CA GLU B 202 19.65 13.14 -9.52
C GLU B 202 19.83 14.59 -9.18
N LYS B 203 19.15 15.01 -8.12
CA LYS B 203 19.32 16.35 -7.62
C LYS B 203 20.32 16.32 -6.47
N THR B 204 21.02 17.41 -6.30
CA THR B 204 22.01 17.50 -5.25
C THR B 204 21.82 18.81 -4.51
N VAL B 205 22.05 18.79 -3.20
CA VAL B 205 22.11 20.02 -2.45
C VAL B 205 23.32 20.00 -1.56
N ALA B 206 23.63 21.16 -1.02
CA ALA B 206 24.83 21.33 -0.21
C ALA B 206 24.50 22.16 1.02
N PRO B 207 25.20 21.88 2.14
CA PRO B 207 25.01 22.68 3.36
C PRO B 207 25.36 24.14 3.13
N THR B 208 26.21 24.41 2.15
CA THR B 208 26.49 25.79 1.78
C THR B 208 25.36 26.38 0.94
N GLU B 209 24.32 26.86 1.64
CA GLU B 209 23.20 27.58 1.03
C GLU B 209 22.46 28.35 2.12
#